data_7TGI
#
_entry.id   7TGI
#
_cell.length_a   44.129
_cell.length_b   84.407
_cell.length_c   109.945
_cell.angle_alpha   90.000
_cell.angle_beta   97.060
_cell.angle_gamma   90.000
#
_symmetry.space_group_name_H-M   'C 1 2 1'
#
loop_
_entity.id
_entity.type
_entity.pdbx_description
1 polymer 'Ricin chain A'
2 polymer 'VHH antibody'
3 non-polymer 'CHLORIDE ION'
4 non-polymer 1,2-ETHANEDIOL
5 water water
#
loop_
_entity_poly.entity_id
_entity_poly.type
_entity_poly.pdbx_seq_one_letter_code
_entity_poly.pdbx_strand_id
1 'polypeptide(L)'
;IFPKQYPIINFTTAGATVQSYTNFIRAVRGRLTTGADVRHEIPVLPNRVGLPINQRFILVELSNHAELSVTLALDVTNAY
VVGYRAGNSAYFFHPDNQEDAEAITHLFTDVQNRYTFAFGGNYDRLEQLAGNLRENIELGNGPLEEAISALYYYSTGGTQ
LPTLARSFIICIQMISEAARFQYIEGEMRTRIRYNRRSAPDPSVITLENSWGRLSTAIQESNQGAFASPIQLQRRNGSKF
SVYDVSILIPIIALMVYRCAPPPSSQF
;
A
2 'polypeptide(L)'
;QVQLVETGGLVQPGGSLRLSCAASGLTLDYYNIGWFRQAPGKEREWVSSISSSDGRKYYVNSVKGRFTISRDNAKNTVYL
QMNSLKPEDTAVYYCAADRDRLPSAITYEYNYWGQGTQVTVSSEPKTPKPQ
;
B
#
loop_
_chem_comp.id
_chem_comp.type
_chem_comp.name
_chem_comp.formula
CL non-polymer 'CHLORIDE ION' 'Cl -1'
EDO non-polymer 1,2-ETHANEDIOL 'C2 H6 O2'
#
# COMPACT_ATOMS: atom_id res chain seq x y z
N TYR A 6 -19.88 5.55 14.86
CA TYR A 6 -18.57 5.52 14.18
C TYR A 6 -18.71 5.78 12.68
N PRO A 7 -17.68 6.35 12.07
CA PRO A 7 -17.72 6.57 10.61
C PRO A 7 -17.85 5.25 9.87
N ILE A 8 -18.76 5.22 8.87
CA ILE A 8 -19.01 4.05 8.04
C ILE A 8 -18.60 4.36 6.61
N ILE A 9 -17.86 3.45 5.99
CA ILE A 9 -17.52 3.48 4.58
C ILE A 9 -18.18 2.26 3.92
N ASN A 10 -18.94 2.50 2.85
CA ASN A 10 -19.59 1.41 2.13
C ASN A 10 -18.80 1.06 0.88
N PHE A 11 -18.63 -0.25 0.64
CA PHE A 11 -18.02 -0.74 -0.58
C PHE A 11 -18.76 -2.00 -1.00
N THR A 12 -18.97 -2.15 -2.32
CA THR A 12 -19.58 -3.36 -2.85
C THR A 12 -18.68 -3.98 -3.91
N THR A 13 -18.55 -5.31 -3.87
CA THR A 13 -17.80 -6.00 -4.92
C THR A 13 -18.61 -6.12 -6.22
N ALA A 14 -19.93 -6.00 -6.13
CA ALA A 14 -20.82 -6.07 -7.30
C ALA A 14 -20.53 -4.97 -8.31
N GLY A 15 -19.90 -5.33 -9.43
CA GLY A 15 -19.52 -4.35 -10.43
C GLY A 15 -18.38 -3.43 -10.04
N ALA A 16 -17.55 -3.84 -9.08
CA ALA A 16 -16.46 -2.98 -8.62
C ALA A 16 -15.50 -2.68 -9.78
N THR A 17 -15.03 -1.44 -9.80
CA THR A 17 -14.07 -0.96 -10.79
C THR A 17 -12.81 -0.50 -10.06
N VAL A 18 -11.79 -0.20 -10.86
CA VAL A 18 -10.57 0.40 -10.31
C VAL A 18 -10.91 1.68 -9.54
N GLN A 19 -11.76 2.54 -10.15
CA GLN A 19 -12.14 3.80 -9.52
C GLN A 19 -12.88 3.57 -8.20
N SER A 20 -13.86 2.67 -8.20
CA SER A 20 -14.66 2.49 -6.99
C SER A 20 -13.84 1.90 -5.85
N TYR A 21 -12.91 1.00 -6.17
CA TYR A 21 -12.00 0.49 -5.14
C TYR A 21 -11.03 1.58 -4.68
N THR A 22 -10.53 2.40 -5.60
CA THR A 22 -9.64 3.50 -5.21
C THR A 22 -10.37 4.50 -4.32
N ASN A 23 -11.60 4.87 -4.69
CA ASN A 23 -12.41 5.76 -3.84
C ASN A 23 -12.61 5.17 -2.45
N PHE A 24 -12.80 3.86 -2.39
CA PHE A 24 -13.00 3.18 -1.12
C PHE A 24 -11.76 3.27 -0.24
N ILE A 25 -10.60 2.88 -0.77
CA ILE A 25 -9.38 2.91 0.04
C ILE A 25 -9.05 4.34 0.44
N ARG A 26 -9.27 5.30 -0.47
CA ARG A 26 -9.00 6.69 -0.11
C ARG A 26 -9.88 7.15 1.05
N ALA A 27 -11.17 6.77 1.05
CA ALA A 27 -12.06 7.15 2.16
C ALA A 27 -11.66 6.48 3.47
N VAL A 28 -11.23 5.21 3.40
CA VAL A 28 -10.71 4.54 4.60
C VAL A 28 -9.50 5.28 5.14
N ARG A 29 -8.56 5.61 4.26
CA ARG A 29 -7.40 6.40 4.66
C ARG A 29 -7.82 7.74 5.25
N GLY A 30 -8.83 8.38 4.66
CA GLY A 30 -9.29 9.65 5.16
C GLY A 30 -9.82 9.52 6.58
N ARG A 31 -10.57 8.45 6.84
CA ARG A 31 -11.13 8.26 8.17
C ARG A 31 -10.08 7.80 9.17
N LEU A 32 -9.11 7.00 8.73
CA LEU A 32 -8.06 6.52 9.63
C LEU A 32 -7.19 7.67 10.12
N THR A 33 -6.90 8.64 9.26
CA THR A 33 -5.90 9.66 9.54
C THR A 33 -6.49 10.97 10.05
N THR A 34 -7.76 10.95 10.46
CA THR A 34 -8.37 12.17 10.98
C THR A 34 -7.53 12.76 12.11
N GLY A 35 -7.06 11.91 13.02
CA GLY A 35 -6.22 12.33 14.13
C GLY A 35 -4.74 12.11 13.92
N ALA A 36 -4.31 11.76 12.71
CA ALA A 36 -2.89 11.52 12.44
C ALA A 36 -2.12 12.83 12.32
N ASP A 37 -0.83 12.77 12.61
CA ASP A 37 0.08 13.84 12.24
C ASP A 37 1.12 13.28 11.28
N VAL A 38 1.85 14.17 10.61
CA VAL A 38 2.71 13.81 9.49
C VAL A 38 4.15 13.90 9.95
N ARG A 39 4.86 12.77 9.91
CA ARG A 39 6.30 12.69 10.15
C ARG A 39 6.96 12.24 8.86
N HIS A 40 7.94 13.03 8.37
CA HIS A 40 8.69 12.70 7.16
C HIS A 40 7.74 12.41 5.99
N GLU A 41 6.74 13.27 5.84
CA GLU A 41 5.75 13.26 4.77
C GLU A 41 4.78 12.08 4.83
N ILE A 42 4.81 11.25 5.87
CA ILE A 42 3.93 10.10 5.98
C ILE A 42 3.05 10.27 7.21
N PRO A 43 1.73 10.16 7.09
CA PRO A 43 0.87 10.27 8.28
C PRO A 43 1.16 9.14 9.27
N VAL A 44 1.21 9.49 10.55
CA VAL A 44 1.41 8.56 11.66
C VAL A 44 0.08 8.39 12.37
N LEU A 45 -0.44 7.17 12.38
CA LEU A 45 -1.69 6.91 13.08
C LEU A 45 -1.55 7.26 14.57
N PRO A 46 -2.62 7.73 15.21
CA PRO A 46 -2.53 8.06 16.64
C PRO A 46 -2.35 6.80 17.46
N ASN A 47 -1.67 6.91 18.60
CA ASN A 47 -1.66 5.75 19.46
C ASN A 47 -2.84 5.84 20.43
N ARG A 48 -3.11 4.73 21.11
CA ARG A 48 -4.32 4.62 21.93
C ARG A 48 -4.32 5.57 23.13
N VAL A 49 -3.17 6.04 23.60
CA VAL A 49 -3.15 6.85 24.83
C VAL A 49 -3.95 8.13 24.63
N GLY A 50 -4.99 8.33 25.44
CA GLY A 50 -5.82 9.51 25.36
C GLY A 50 -6.65 9.63 24.11
N LEU A 51 -6.70 8.60 23.28
CA LEU A 51 -7.55 8.64 22.11
C LEU A 51 -8.97 8.31 22.52
N PRO A 52 -9.94 9.21 22.34
CA PRO A 52 -11.28 8.96 22.85
C PRO A 52 -11.92 7.73 22.21
N ILE A 53 -12.70 7.03 23.02
CA ILE A 53 -13.32 5.78 22.58
C ILE A 53 -14.22 6.02 21.38
N ASN A 54 -14.93 7.13 21.37
CA ASN A 54 -15.79 7.49 20.25
C ASN A 54 -14.99 7.79 18.98
N GLN A 55 -13.66 7.82 19.05
CA GLN A 55 -12.82 8.03 17.88
C GLN A 55 -11.87 6.86 17.64
N ARG A 56 -12.08 5.74 18.33
CA ARG A 56 -11.13 4.64 18.28
C ARG A 56 -11.29 3.76 17.04
N PHE A 57 -12.48 3.75 16.42
CA PHE A 57 -12.79 2.77 15.40
C PHE A 57 -13.41 3.43 14.17
N ILE A 58 -13.31 2.69 13.07
CA ILE A 58 -13.89 2.99 11.77
C ILE A 58 -14.65 1.75 11.34
N LEU A 59 -15.78 1.93 10.66
CA LEU A 59 -16.62 0.82 10.20
C LEU A 59 -16.58 0.72 8.69
N VAL A 60 -16.43 -0.48 8.17
CA VAL A 60 -16.37 -0.72 6.74
C VAL A 60 -17.47 -1.72 6.39
N GLU A 61 -18.49 -1.25 5.68
CA GLU A 61 -19.64 -2.06 5.30
C GLU A 61 -19.42 -2.64 3.92
N LEU A 62 -19.37 -3.97 3.83
CA LEU A 62 -19.07 -4.68 2.59
C LEU A 62 -20.30 -5.45 2.09
N SER A 63 -20.67 -5.23 0.82
CA SER A 63 -21.75 -5.94 0.13
C SER A 63 -21.21 -6.68 -1.09
N ASN A 64 -21.96 -7.69 -1.56
CA ASN A 64 -21.63 -8.35 -2.81
C ASN A 64 -22.87 -8.58 -3.68
N HIS A 65 -22.68 -9.32 -4.78
CA HIS A 65 -23.75 -9.49 -5.74
C HIS A 65 -24.93 -10.24 -5.12
N ALA A 66 -24.65 -11.19 -4.22
CA ALA A 66 -25.68 -11.95 -3.51
C ALA A 66 -26.40 -11.12 -2.44
N GLU A 67 -26.25 -9.79 -2.47
CA GLU A 67 -26.92 -8.87 -1.55
C GLU A 67 -26.70 -9.23 -0.07
N LEU A 68 -25.55 -9.83 0.25
CA LEU A 68 -25.17 -10.05 1.64
C LEU A 68 -24.23 -8.94 2.07
N SER A 69 -24.42 -8.44 3.29
CA SER A 69 -23.52 -7.42 3.82
C SER A 69 -23.01 -7.80 5.20
N VAL A 70 -21.75 -7.47 5.44
CA VAL A 70 -21.10 -7.56 6.73
C VAL A 70 -20.40 -6.23 7.00
N THR A 71 -20.17 -5.93 8.27
CA THR A 71 -19.51 -4.69 8.65
C THR A 71 -18.26 -5.02 9.45
N LEU A 72 -17.08 -4.61 8.95
CA LEU A 72 -15.84 -4.78 9.68
C LEU A 72 -15.61 -3.57 10.58
N ALA A 73 -14.96 -3.79 11.71
CA ALA A 73 -14.52 -2.69 12.56
C ALA A 73 -13.00 -2.62 12.43
N LEU A 74 -12.48 -1.44 12.08
CA LEU A 74 -11.04 -1.21 11.96
C LEU A 74 -10.54 -0.35 13.11
N ASP A 75 -9.41 -0.72 13.69
CA ASP A 75 -8.78 0.09 14.73
C ASP A 75 -8.03 1.25 14.09
N VAL A 76 -8.31 2.47 14.57
N VAL A 76 -8.28 2.48 14.54
CA VAL A 76 -7.66 3.68 14.04
CA VAL A 76 -7.60 3.61 13.90
C VAL A 76 -6.17 3.66 14.33
C VAL A 76 -6.15 3.73 14.35
N THR A 77 -5.76 3.05 15.44
CA THR A 77 -4.35 3.08 15.84
C THR A 77 -3.45 2.21 14.96
N ASN A 78 -4.00 1.20 14.27
CA ASN A 78 -3.12 0.39 13.43
C ASN A 78 -3.77 -0.09 12.13
N ALA A 79 -4.96 0.40 11.79
CA ALA A 79 -5.72 0.06 10.58
C ALA A 79 -6.16 -1.40 10.55
N TYR A 80 -5.95 -2.16 11.62
CA TYR A 80 -6.23 -3.58 11.57
C TYR A 80 -7.69 -3.88 11.89
N VAL A 81 -8.19 -4.98 11.34
CA VAL A 81 -9.54 -5.45 11.61
C VAL A 81 -9.59 -6.02 13.02
N VAL A 82 -10.52 -5.53 13.85
CA VAL A 82 -10.65 -6.05 15.22
C VAL A 82 -11.88 -6.93 15.39
N GLY A 83 -12.80 -6.93 14.43
CA GLY A 83 -14.05 -7.66 14.61
C GLY A 83 -15.00 -7.36 13.47
N TYR A 84 -16.15 -8.01 13.51
CA TYR A 84 -17.14 -7.72 12.48
C TYR A 84 -18.53 -8.10 12.96
N ARG A 85 -19.53 -7.52 12.28
CA ARG A 85 -20.95 -7.76 12.54
C ARG A 85 -21.60 -8.31 11.28
N ALA A 86 -22.44 -9.33 11.46
CA ALA A 86 -23.29 -9.86 10.41
C ALA A 86 -24.65 -10.17 11.02
N GLY A 87 -25.68 -9.43 10.60
CA GLY A 87 -27.01 -9.64 11.16
C GLY A 87 -27.04 -9.30 12.63
N ASN A 88 -27.42 -10.29 13.44
CA ASN A 88 -27.63 -10.11 14.87
C ASN A 88 -26.46 -10.61 15.70
N SER A 89 -25.29 -10.81 15.07
CA SER A 89 -24.13 -11.39 15.73
C SER A 89 -22.88 -10.56 15.44
N ALA A 90 -22.02 -10.43 16.46
CA ALA A 90 -20.75 -9.74 16.31
C ALA A 90 -19.64 -10.64 16.84
N TYR A 91 -18.51 -10.66 16.14
CA TYR A 91 -17.35 -11.49 16.46
C TYR A 91 -16.10 -10.62 16.55
N PHE A 92 -15.34 -10.76 17.64
CA PHE A 92 -14.15 -9.96 17.88
C PHE A 92 -12.95 -10.86 18.09
N PHE A 93 -11.79 -10.40 17.61
CA PHE A 93 -10.55 -11.07 17.95
C PHE A 93 -10.23 -10.83 19.41
N HIS A 94 -9.46 -11.72 19.99
CA HIS A 94 -9.04 -11.57 21.38
C HIS A 94 -8.33 -10.23 21.57
N PRO A 95 -8.79 -9.39 22.48
CA PRO A 95 -8.07 -8.13 22.75
C PRO A 95 -6.76 -8.39 23.48
N ASP A 96 -5.76 -7.56 23.19
CA ASP A 96 -4.43 -7.80 23.75
C ASP A 96 -4.27 -7.28 25.18
N ASN A 97 -5.22 -6.49 25.69
CA ASN A 97 -5.20 -6.09 27.11
C ASN A 97 -6.61 -5.73 27.54
N GLN A 98 -6.75 -5.41 28.81
CA GLN A 98 -8.04 -5.09 29.41
C GLN A 98 -8.61 -3.78 28.88
N GLU A 99 -7.76 -2.80 28.56
CA GLU A 99 -8.25 -1.56 27.98
C GLU A 99 -8.91 -1.80 26.62
N ASP A 100 -8.32 -2.67 25.79
CA ASP A 100 -8.92 -2.96 24.50
C ASP A 100 -10.22 -3.73 24.64
N ALA A 101 -10.34 -4.55 25.69
CA ALA A 101 -11.58 -5.27 25.90
C ALA A 101 -12.72 -4.30 26.24
N GLU A 102 -12.45 -3.32 27.10
CA GLU A 102 -13.42 -2.24 27.30
C GLU A 102 -13.73 -1.53 25.99
N ALA A 103 -12.69 -1.28 25.18
CA ALA A 103 -12.88 -0.56 23.93
C ALA A 103 -13.91 -1.24 23.04
N ILE A 104 -13.76 -2.55 22.83
CA ILE A 104 -14.64 -3.21 21.88
C ILE A 104 -16.07 -3.37 22.41
N THR A 105 -16.30 -3.20 23.72
CA THR A 105 -17.68 -3.21 24.18
C THR A 105 -18.50 -2.07 23.57
N HIS A 106 -17.85 -1.04 23.02
CA HIS A 106 -18.57 0.06 22.38
C HIS A 106 -18.88 -0.18 20.91
N LEU A 107 -18.45 -1.31 20.34
CA LEU A 107 -18.77 -1.65 18.95
C LEU A 107 -20.05 -2.46 18.84
N PHE A 108 -20.89 -2.12 17.85
CA PHE A 108 -22.07 -2.92 17.50
C PHE A 108 -22.96 -3.15 18.73
N THR A 109 -23.30 -2.07 19.43
CA THR A 109 -23.93 -2.27 20.71
C THR A 109 -25.38 -2.74 20.60
N ASP A 110 -25.93 -2.84 19.39
CA ASP A 110 -27.32 -3.28 19.20
C ASP A 110 -27.45 -4.76 18.83
N VAL A 111 -26.34 -5.46 18.58
CA VAL A 111 -26.42 -6.89 18.29
C VAL A 111 -26.80 -7.64 19.55
N GLN A 112 -27.61 -8.69 19.40
CA GLN A 112 -28.01 -9.49 20.55
C GLN A 112 -26.95 -10.51 20.95
N ASN A 113 -26.09 -10.92 20.02
CA ASN A 113 -25.12 -11.98 20.26
C ASN A 113 -23.71 -11.43 20.04
N ARG A 114 -22.88 -11.49 21.08
CA ARG A 114 -21.51 -11.04 21.03
C ARG A 114 -20.57 -12.17 21.42
N TYR A 115 -19.47 -12.31 20.68
CA TYR A 115 -18.53 -13.40 20.85
C TYR A 115 -17.12 -12.85 20.67
N THR A 116 -16.22 -13.21 21.59
CA THR A 116 -14.80 -12.87 21.47
C THR A 116 -14.02 -14.17 21.26
N PHE A 117 -13.32 -14.27 20.13
CA PHE A 117 -12.47 -15.42 19.91
C PHE A 117 -11.38 -15.45 20.98
N ALA A 118 -10.95 -16.67 21.35
CA ALA A 118 -9.83 -16.84 22.25
C ALA A 118 -8.50 -16.45 21.61
N PHE A 119 -8.42 -16.44 20.28
CA PHE A 119 -7.20 -16.15 19.54
C PHE A 119 -7.25 -14.75 18.93
N GLY A 120 -6.05 -14.19 18.69
CA GLY A 120 -5.93 -12.93 17.99
C GLY A 120 -6.00 -13.06 16.47
N GLY A 121 -5.98 -11.91 15.80
CA GLY A 121 -6.08 -11.91 14.35
C GLY A 121 -4.77 -11.73 13.59
N ASN A 122 -3.65 -12.09 14.21
CA ASN A 122 -2.36 -11.99 13.55
C ASN A 122 -2.21 -13.08 12.49
N TYR A 123 -1.37 -12.81 11.50
CA TYR A 123 -1.29 -13.69 10.34
C TYR A 123 -0.87 -15.10 10.72
N ASP A 124 0.08 -15.25 11.64
CA ASP A 124 0.53 -16.60 11.96
C ASP A 124 -0.63 -17.43 12.52
N ARG A 125 -1.47 -16.83 13.34
CA ARG A 125 -2.62 -17.55 13.87
C ARG A 125 -3.63 -17.86 12.76
N LEU A 126 -4.04 -16.83 12.00
CA LEU A 126 -5.06 -17.03 10.98
C LEU A 126 -4.64 -18.03 9.92
N GLU A 127 -3.33 -18.10 9.62
CA GLU A 127 -2.86 -19.10 8.65
C GLU A 127 -2.92 -20.51 9.24
N GLN A 128 -2.63 -20.66 10.54
CA GLN A 128 -2.81 -21.96 11.19
C GLN A 128 -4.26 -22.42 11.08
N LEU A 129 -5.20 -21.51 11.32
CA LEU A 129 -6.62 -21.88 11.29
C LEU A 129 -7.09 -22.11 9.87
N ALA A 130 -6.61 -21.30 8.91
CA ALA A 130 -6.99 -21.47 7.51
C ALA A 130 -6.39 -22.72 6.87
N GLY A 131 -5.32 -23.27 7.45
CA GLY A 131 -4.64 -24.39 6.80
C GLY A 131 -3.80 -24.03 5.60
N ASN A 132 -3.57 -22.74 5.33
CA ASN A 132 -2.77 -22.29 4.20
C ASN A 132 -2.01 -21.04 4.60
N LEU A 133 -0.91 -20.79 3.90
CA LEU A 133 -0.12 -19.56 4.08
C LEU A 133 -0.65 -18.45 3.16
N ARG A 134 -0.35 -17.21 3.53
CA ARG A 134 -0.76 -16.07 2.70
C ARG A 134 -0.33 -16.28 1.25
N GLU A 135 0.84 -16.89 1.05
CA GLU A 135 1.38 -17.17 -0.28
C GLU A 135 0.45 -18.01 -1.15
N ASN A 136 -0.48 -18.74 -0.57
CA ASN A 136 -1.35 -19.62 -1.35
C ASN A 136 -2.81 -19.25 -1.22
N ILE A 137 -3.10 -18.04 -0.73
CA ILE A 137 -4.46 -17.55 -0.61
C ILE A 137 -4.64 -16.48 -1.66
N GLU A 138 -5.56 -16.72 -2.61
CA GLU A 138 -5.75 -15.78 -3.72
C GLU A 138 -6.51 -14.54 -3.26
N LEU A 139 -6.15 -13.39 -3.84
CA LEU A 139 -6.77 -12.11 -3.57
C LEU A 139 -7.37 -11.54 -4.85
N GLY A 140 -8.35 -10.67 -4.68
CA GLY A 140 -9.03 -10.09 -5.83
C GLY A 140 -10.51 -9.90 -5.52
N ASN A 141 -11.23 -9.37 -6.52
CA ASN A 141 -12.64 -9.06 -6.29
C ASN A 141 -13.44 -10.34 -6.06
N GLY A 142 -13.10 -11.41 -6.78
CA GLY A 142 -13.71 -12.71 -6.59
C GLY A 142 -13.51 -13.26 -5.19
N PRO A 143 -12.25 -13.39 -4.75
CA PRO A 143 -11.98 -13.80 -3.37
C PRO A 143 -12.65 -12.91 -2.33
N LEU A 144 -12.73 -11.61 -2.57
CA LEU A 144 -13.34 -10.76 -1.55
C LEU A 144 -14.85 -10.99 -1.49
N GLU A 145 -15.49 -11.16 -2.66
CA GLU A 145 -16.92 -11.41 -2.69
C GLU A 145 -17.25 -12.70 -1.93
N GLU A 146 -16.45 -13.75 -2.16
CA GLU A 146 -16.63 -15.01 -1.44
C GLU A 146 -16.33 -14.86 0.06
N ALA A 147 -15.38 -14.02 0.42
CA ALA A 147 -15.09 -13.82 1.83
C ALA A 147 -16.28 -13.19 2.55
N ILE A 148 -16.95 -12.26 1.89
CA ILE A 148 -18.12 -11.60 2.48
C ILE A 148 -19.22 -12.63 2.77
N SER A 149 -19.54 -13.46 1.79
CA SER A 149 -20.52 -14.52 2.00
C SER A 149 -20.10 -15.42 3.16
N ALA A 150 -18.81 -15.74 3.22
CA ALA A 150 -18.32 -16.67 4.25
C ALA A 150 -18.52 -16.08 5.63
N LEU A 151 -18.18 -14.79 5.78
CA LEU A 151 -18.35 -14.11 7.04
C LEU A 151 -19.83 -14.03 7.41
N TYR A 152 -20.67 -13.70 6.42
CA TYR A 152 -22.09 -13.57 6.68
C TYR A 152 -22.67 -14.84 7.28
N TYR A 153 -22.35 -16.00 6.71
CA TYR A 153 -23.02 -17.23 7.15
C TYR A 153 -22.33 -17.88 8.34
N TYR A 154 -21.35 -17.21 8.95
CA TYR A 154 -20.70 -17.84 10.10
C TYR A 154 -21.67 -17.97 11.26
N SER A 155 -22.45 -16.90 11.55
CA SER A 155 -23.43 -16.99 12.62
C SER A 155 -24.47 -18.04 12.31
N THR A 156 -24.82 -18.20 11.04
CA THR A 156 -25.81 -19.15 10.58
C THR A 156 -25.35 -20.60 10.82
N GLY A 157 -24.06 -20.83 11.04
CA GLY A 157 -23.53 -22.18 11.07
C GLY A 157 -23.13 -22.75 9.72
N GLY A 158 -23.05 -21.93 8.69
CA GLY A 158 -22.73 -22.41 7.35
C GLY A 158 -21.32 -22.21 6.90
N THR A 159 -20.42 -21.73 7.77
CA THR A 159 -19.02 -21.50 7.43
C THR A 159 -18.17 -22.24 8.46
N GLN A 160 -17.22 -23.05 7.98
CA GLN A 160 -16.31 -23.71 8.91
C GLN A 160 -15.15 -22.78 9.27
N LEU A 161 -14.51 -23.08 10.40
CA LEU A 161 -13.41 -22.24 10.89
C LEU A 161 -12.34 -21.98 9.84
N PRO A 162 -11.80 -23.00 9.14
CA PRO A 162 -10.76 -22.69 8.12
C PRO A 162 -11.17 -21.66 7.08
N THR A 163 -12.34 -21.86 6.46
CA THR A 163 -12.88 -20.89 5.50
C THR A 163 -13.02 -19.51 6.13
N LEU A 164 -13.47 -19.44 7.39
CA LEU A 164 -13.58 -18.15 8.07
C LEU A 164 -12.22 -17.47 8.24
N ALA A 165 -11.20 -18.22 8.65
CA ALA A 165 -9.88 -17.61 8.81
C ALA A 165 -9.33 -17.17 7.46
N ARG A 166 -9.59 -17.95 6.40
CA ARG A 166 -9.15 -17.56 5.07
C ARG A 166 -9.84 -16.27 4.63
N SER A 167 -11.12 -16.12 4.96
CA SER A 167 -11.84 -14.89 4.63
C SER A 167 -11.27 -13.68 5.36
N PHE A 168 -10.87 -13.85 6.63
CA PHE A 168 -10.22 -12.77 7.37
C PHE A 168 -8.92 -12.36 6.68
N ILE A 169 -8.11 -13.36 6.29
CA ILE A 169 -6.85 -13.07 5.61
C ILE A 169 -7.10 -12.24 4.35
N ILE A 170 -8.15 -12.59 3.58
CA ILE A 170 -8.55 -11.81 2.41
C ILE A 170 -8.86 -10.37 2.79
N CYS A 171 -9.80 -10.18 3.72
CA CYS A 171 -10.26 -8.84 4.04
C CYS A 171 -9.12 -7.97 4.56
N ILE A 172 -8.30 -8.52 5.46
CA ILE A 172 -7.21 -7.74 6.05
C ILE A 172 -6.23 -7.25 4.98
N GLN A 173 -5.90 -8.12 4.02
CA GLN A 173 -4.92 -7.71 3.01
C GLN A 173 -5.53 -6.72 2.02
N MET A 174 -6.79 -6.92 1.65
CA MET A 174 -7.38 -6.08 0.63
C MET A 174 -7.84 -4.73 1.18
N ILE A 175 -7.94 -4.61 2.50
CA ILE A 175 -8.43 -3.37 3.11
C ILE A 175 -7.38 -2.77 4.05
N SER A 176 -7.02 -3.50 5.11
CA SER A 176 -6.03 -2.97 6.06
C SER A 176 -4.67 -2.77 5.41
N GLU A 177 -4.17 -3.77 4.67
CA GLU A 177 -2.82 -3.62 4.14
C GLU A 177 -2.78 -2.63 2.98
N ALA A 178 -3.86 -2.57 2.17
CA ALA A 178 -3.97 -1.60 1.10
C ALA A 178 -4.07 -0.17 1.64
N ALA A 179 -4.76 -0.01 2.78
CA ALA A 179 -4.76 1.31 3.41
C ALA A 179 -3.37 1.70 3.90
N ARG A 180 -2.61 0.73 4.40
CA ARG A 180 -1.28 1.04 4.94
C ARG A 180 -0.25 1.31 3.85
N PHE A 181 -0.36 0.64 2.70
CA PHE A 181 0.70 0.62 1.70
C PHE A 181 0.13 0.99 0.34
N GLN A 182 0.71 2.03 -0.28
CA GLN A 182 0.33 2.39 -1.64
C GLN A 182 0.60 1.25 -2.60
N TYR A 183 1.75 0.60 -2.47
CA TYR A 183 2.12 -0.52 -3.33
C TYR A 183 1.05 -1.61 -3.35
N ILE A 184 0.48 -1.93 -2.17
CA ILE A 184 -0.48 -3.03 -2.12
C ILE A 184 -1.83 -2.57 -2.68
N GLU A 185 -2.19 -1.29 -2.48
CA GLU A 185 -3.36 -0.75 -3.15
C GLU A 185 -3.20 -0.84 -4.67
N GLY A 186 -2.02 -0.49 -5.19
CA GLY A 186 -1.79 -0.58 -6.63
C GLY A 186 -1.92 -2.00 -7.13
N GLU A 187 -1.47 -2.98 -6.34
CA GLU A 187 -1.58 -4.38 -6.73
C GLU A 187 -3.04 -4.82 -6.80
N MET A 188 -3.88 -4.37 -5.84
CA MET A 188 -5.29 -4.72 -5.91
C MET A 188 -6.00 -4.04 -7.08
N ARG A 189 -5.61 -2.80 -7.40
CA ARG A 189 -6.19 -2.12 -8.56
C ARG A 189 -5.93 -2.92 -9.84
N THR A 190 -4.72 -3.45 -10.01
CA THR A 190 -4.42 -4.17 -11.24
C THR A 190 -5.20 -5.48 -11.32
N ARG A 191 -5.37 -6.17 -10.18
CA ARG A 191 -6.23 -7.35 -10.18
C ARG A 191 -7.62 -7.02 -10.68
N ILE A 192 -8.15 -5.87 -10.26
CA ILE A 192 -9.48 -5.45 -10.70
C ILE A 192 -9.43 -5.06 -12.17
N ARG A 193 -8.39 -4.34 -12.59
CA ARG A 193 -8.29 -3.89 -13.97
C ARG A 193 -8.32 -5.05 -14.95
N TYR A 194 -7.63 -6.14 -14.64
CA TYR A 194 -7.51 -7.27 -15.56
C TYR A 194 -8.39 -8.44 -15.15
N ASN A 195 -9.31 -8.19 -14.23
CA ASN A 195 -10.27 -9.17 -13.70
C ASN A 195 -9.61 -10.51 -13.38
N ARG A 196 -8.60 -10.45 -12.51
CA ARG A 196 -7.86 -11.65 -12.17
C ARG A 196 -7.66 -11.76 -10.67
N ARG A 197 -7.52 -13.00 -10.21
CA ARG A 197 -7.23 -13.34 -8.82
C ARG A 197 -5.86 -13.98 -8.76
N SER A 198 -5.08 -13.63 -7.75
CA SER A 198 -3.80 -14.31 -7.54
C SER A 198 -3.36 -14.06 -6.11
N ALA A 199 -2.60 -15.02 -5.57
CA ALA A 199 -2.01 -14.87 -4.25
C ALA A 199 -0.99 -13.74 -4.26
N PRO A 200 -0.76 -13.09 -3.13
CA PRO A 200 0.30 -12.07 -3.08
C PRO A 200 1.66 -12.73 -3.25
N ASP A 201 2.61 -11.97 -3.78
CA ASP A 201 3.97 -12.45 -3.97
C ASP A 201 4.79 -12.26 -2.71
N PRO A 202 5.97 -12.88 -2.63
CA PRO A 202 6.81 -12.69 -1.42
C PRO A 202 7.13 -11.23 -1.11
N SER A 203 7.23 -10.36 -2.13
CA SER A 203 7.53 -8.95 -1.85
C SER A 203 6.40 -8.27 -1.09
N VAL A 204 5.13 -8.54 -1.47
CA VAL A 204 4.00 -8.03 -0.69
C VAL A 204 4.06 -8.57 0.74
N ILE A 205 4.33 -9.87 0.88
CA ILE A 205 4.30 -10.50 2.20
C ILE A 205 5.41 -9.94 3.09
N THR A 206 6.64 -9.84 2.54
CA THR A 206 7.74 -9.22 3.27
C THR A 206 7.41 -7.79 3.68
N LEU A 207 6.74 -7.04 2.79
CA LEU A 207 6.36 -5.67 3.13
C LEU A 207 5.35 -5.65 4.27
N GLU A 208 4.31 -6.50 4.21
CA GLU A 208 3.36 -6.60 5.31
C GLU A 208 4.06 -6.96 6.62
N ASN A 209 4.99 -7.92 6.58
CA ASN A 209 5.69 -8.30 7.80
C ASN A 209 6.51 -7.16 8.40
N SER A 210 6.89 -6.16 7.60
CA SER A 210 7.86 -5.15 8.01
C SER A 210 7.22 -3.83 8.42
N TRP A 211 5.89 -3.76 8.48
CA TRP A 211 5.23 -2.48 8.67
C TRP A 211 5.63 -1.82 9.97
N GLY A 212 5.67 -2.58 11.07
CA GLY A 212 6.11 -2.02 12.35
C GLY A 212 7.57 -1.59 12.34
N ARG A 213 8.45 -2.42 11.77
CA ARG A 213 9.88 -2.08 11.72
C ARG A 213 10.15 -0.86 10.85
N LEU A 214 9.44 -0.74 9.72
CA LEU A 214 9.64 0.44 8.88
C LEU A 214 9.20 1.70 9.61
N SER A 215 8.09 1.61 10.36
CA SER A 215 7.60 2.75 11.13
C SER A 215 8.62 3.19 12.18
N THR A 216 9.25 2.23 12.87
CA THR A 216 10.30 2.57 13.82
C THR A 216 11.45 3.29 13.12
N ALA A 217 12.00 2.67 12.08
CA ALA A 217 13.17 3.23 11.41
C ALA A 217 12.87 4.62 10.86
N ILE A 218 11.65 4.82 10.34
CA ILE A 218 11.31 6.12 9.77
C ILE A 218 11.23 7.17 10.88
N GLN A 219 10.54 6.85 11.98
CA GLN A 219 10.31 7.87 12.99
C GLN A 219 11.55 8.15 13.81
N GLU A 220 12.43 7.17 13.97
CA GLU A 220 13.69 7.37 14.68
C GLU A 220 14.82 7.85 13.78
N SER A 221 14.52 8.20 12.52
CA SER A 221 15.58 8.52 11.57
C SER A 221 16.08 9.94 11.78
N ASN A 222 17.29 10.21 11.28
CA ASN A 222 17.89 11.54 11.39
C ASN A 222 17.63 12.23 10.04
N GLN A 223 16.51 12.93 9.97
CA GLN A 223 16.07 13.62 8.75
C GLN A 223 16.10 12.70 7.53
N GLY A 224 15.53 11.51 7.69
CA GLY A 224 15.39 10.59 6.57
C GLY A 224 16.30 9.37 6.63
N ALA A 225 17.57 9.59 7.02
CA ALA A 225 18.56 8.52 7.06
C ALA A 225 18.36 7.61 8.25
N PHE A 226 18.28 6.30 7.99
CA PHE A 226 18.11 5.32 9.05
C PHE A 226 19.39 5.13 9.84
N ALA A 227 19.25 4.86 11.14
CA ALA A 227 20.40 4.42 11.93
C ALA A 227 20.96 3.12 11.39
N SER A 228 20.10 2.24 10.88
CA SER A 228 20.50 0.95 10.35
C SER A 228 19.55 0.56 9.22
N PRO A 229 20.05 -0.15 8.21
CA PRO A 229 19.20 -0.45 7.04
C PRO A 229 18.20 -1.57 7.29
N ILE A 230 17.10 -1.50 6.56
CA ILE A 230 16.07 -2.54 6.58
C ILE A 230 16.05 -3.22 5.21
N GLN A 231 16.07 -4.55 5.23
CA GLN A 231 16.04 -5.31 4.00
C GLN A 231 14.61 -5.46 3.51
N LEU A 232 14.37 -5.13 2.25
CA LEU A 232 13.09 -5.41 1.60
C LEU A 232 13.34 -6.33 0.40
N GLN A 233 12.24 -6.81 -0.17
CA GLN A 233 12.28 -7.76 -1.27
C GLN A 233 11.60 -7.14 -2.49
N ARG A 234 12.34 -7.04 -3.59
N ARG A 234 12.33 -7.05 -3.59
CA ARG A 234 11.70 -6.60 -4.82
CA ARG A 234 11.71 -6.61 -4.83
C ARG A 234 10.74 -7.67 -5.31
C ARG A 234 10.76 -7.68 -5.34
N ARG A 235 9.79 -7.24 -6.14
CA ARG A 235 8.83 -8.17 -6.70
C ARG A 235 9.52 -9.28 -7.51
N ASN A 236 10.64 -8.96 -8.17
CA ASN A 236 11.30 -10.06 -8.89
C ASN A 236 12.02 -11.03 -7.97
N GLY A 237 12.02 -10.82 -6.65
CA GLY A 237 12.61 -11.72 -5.68
C GLY A 237 13.94 -11.24 -5.12
N SER A 238 14.71 -10.45 -5.87
CA SER A 238 15.95 -9.88 -5.36
C SER A 238 15.69 -9.05 -4.11
N LYS A 239 16.64 -9.09 -3.19
CA LYS A 239 16.54 -8.37 -1.92
C LYS A 239 17.41 -7.13 -1.96
N PHE A 240 16.93 -6.05 -1.33
CA PHE A 240 17.66 -4.80 -1.32
C PHE A 240 17.56 -4.11 0.03
N SER A 241 18.59 -3.35 0.36
CA SER A 241 18.62 -2.58 1.59
C SER A 241 18.01 -1.20 1.39
N VAL A 242 17.30 -0.72 2.40
CA VAL A 242 16.74 0.62 2.42
C VAL A 242 17.42 1.41 3.53
N TYR A 243 18.01 2.55 3.16
CA TYR A 243 18.79 3.38 4.06
C TYR A 243 18.16 4.73 4.34
N ASP A 244 17.06 5.08 3.66
CA ASP A 244 16.51 6.42 3.75
C ASP A 244 15.00 6.35 3.58
N VAL A 245 14.30 7.31 4.19
CA VAL A 245 12.84 7.35 4.04
C VAL A 245 12.43 7.66 2.60
N SER A 246 13.23 8.44 1.85
CA SER A 246 12.82 8.86 0.51
C SER A 246 12.35 7.68 -0.33
N ILE A 247 13.09 6.58 -0.29
CA ILE A 247 12.73 5.39 -1.04
C ILE A 247 11.37 4.82 -0.63
N LEU A 248 10.94 5.05 0.61
CA LEU A 248 9.70 4.46 1.11
C LEU A 248 8.48 5.33 0.84
N ILE A 249 8.66 6.63 0.64
CA ILE A 249 7.54 7.55 0.50
C ILE A 249 6.58 7.09 -0.59
N PRO A 250 7.04 6.61 -1.75
CA PRO A 250 6.08 6.10 -2.75
C PRO A 250 5.38 4.82 -2.36
N ILE A 251 5.88 4.10 -1.34
CA ILE A 251 5.41 2.76 -1.07
C ILE A 251 4.42 2.72 0.10
N ILE A 252 4.69 3.51 1.14
CA ILE A 252 3.99 3.41 2.42
C ILE A 252 3.06 4.63 2.60
N ALA A 253 1.79 4.36 2.91
CA ALA A 253 0.80 5.42 3.07
C ALA A 253 0.55 5.78 4.53
N LEU A 254 0.74 4.86 5.47
CA LEU A 254 0.45 5.09 6.87
C LEU A 254 1.53 4.43 7.71
N MET A 255 1.79 4.99 8.88
CA MET A 255 2.70 4.40 9.86
C MET A 255 2.00 4.23 11.21
N VAL A 256 2.49 3.28 12.02
CA VAL A 256 2.03 3.11 13.39
C VAL A 256 2.90 3.99 14.29
N TYR A 257 2.29 4.50 15.37
CA TYR A 257 3.01 5.42 16.26
C TYR A 257 4.19 4.74 16.93
N ARG A 258 5.31 5.46 16.96
CA ARG A 258 6.49 5.07 17.74
C ARG A 258 6.95 6.21 18.64
N CYS A 259 7.11 7.40 18.06
CA CYS A 259 7.79 8.55 18.69
C CYS A 259 8.86 8.16 19.72
N LEU B 4 16.51 -0.15 -28.54
CA LEU B 4 17.95 0.10 -28.58
C LEU B 4 18.29 1.34 -27.74
N VAL B 5 19.28 1.20 -26.85
CA VAL B 5 19.66 2.28 -25.94
C VAL B 5 20.17 3.48 -26.73
N GLU B 6 19.65 4.67 -26.43
CA GLU B 6 19.85 5.82 -27.30
C GLU B 6 21.27 6.37 -27.21
N THR B 7 21.81 6.52 -26.00
CA THR B 7 23.09 7.22 -25.78
C THR B 7 23.05 8.68 -26.24
N LEU B 10 27.37 12.60 -23.91
CA LEU B 10 28.39 12.72 -22.88
C LEU B 10 28.36 14.12 -22.25
N VAL B 11 28.42 14.19 -20.93
CA VAL B 11 28.24 15.42 -20.17
C VAL B 11 29.46 15.66 -19.29
N GLN B 12 29.82 16.94 -19.11
CA GLN B 12 30.89 17.41 -18.24
C GLN B 12 30.40 17.48 -16.79
N PRO B 13 31.24 17.16 -15.81
CA PRO B 13 30.80 17.21 -14.40
C PRO B 13 30.30 18.59 -14.02
N GLY B 14 29.15 18.62 -13.35
CA GLY B 14 28.40 19.83 -13.14
C GLY B 14 27.50 20.23 -14.29
N GLY B 15 27.41 19.42 -15.34
CA GLY B 15 26.62 19.74 -16.51
C GLY B 15 25.14 19.39 -16.33
N SER B 16 24.38 19.60 -17.40
CA SER B 16 22.94 19.41 -17.39
C SER B 16 22.53 18.41 -18.46
N LEU B 17 21.36 17.83 -18.25
CA LEU B 17 20.77 16.93 -19.23
C LEU B 17 19.30 16.82 -18.89
N ARG B 18 18.45 16.86 -19.93
CA ARG B 18 17.01 16.67 -19.73
C ARG B 18 16.57 15.45 -20.52
N LEU B 19 15.83 14.56 -19.87
CA LEU B 19 15.28 13.40 -20.54
C LEU B 19 13.78 13.60 -20.71
N SER B 20 13.22 12.95 -21.72
CA SER B 20 11.82 13.11 -22.08
C SER B 20 11.12 11.76 -22.01
N CYS B 21 9.93 11.75 -21.40
CA CYS B 21 9.06 10.59 -21.39
C CYS B 21 7.82 10.94 -22.23
N ALA B 22 7.69 10.30 -23.38
CA ALA B 22 6.51 10.52 -24.22
C ALA B 22 6.28 9.27 -25.08
N ALA B 23 5.01 8.97 -25.35
CA ALA B 23 4.63 7.89 -26.25
C ALA B 23 3.31 8.28 -26.90
N SER B 24 3.21 8.04 -28.20
CA SER B 24 2.10 8.61 -28.95
C SER B 24 0.75 8.12 -28.41
N GLY B 25 0.69 6.91 -27.87
CA GLY B 25 -0.59 6.39 -27.44
C GLY B 25 -1.03 6.72 -26.03
N LEU B 26 -0.21 7.40 -25.23
CA LEU B 26 -0.42 7.52 -23.79
C LEU B 26 -0.72 8.96 -23.40
N THR B 27 -1.91 9.17 -22.82
CA THR B 27 -2.27 10.43 -22.17
C THR B 27 -1.58 10.51 -20.81
N LEU B 28 -0.33 10.99 -20.81
CA LEU B 28 0.52 10.87 -19.62
C LEU B 28 0.01 11.66 -18.43
N ASP B 29 -0.80 12.69 -18.66
CA ASP B 29 -1.39 13.46 -17.57
C ASP B 29 -2.26 12.60 -16.66
N TYR B 30 -2.61 11.39 -17.07
CA TYR B 30 -3.38 10.47 -16.23
C TYR B 30 -2.59 9.21 -15.84
N TYR B 31 -1.27 9.22 -16.02
CA TYR B 31 -0.42 8.12 -15.62
C TYR B 31 0.47 8.58 -14.46
N ASN B 32 0.87 7.61 -13.64
CA ASN B 32 2.02 7.81 -12.77
C ASN B 32 3.28 7.59 -13.58
N ILE B 33 4.27 8.47 -13.43
CA ILE B 33 5.51 8.39 -14.19
C ILE B 33 6.66 8.21 -13.20
N GLY B 34 7.61 7.35 -13.55
CA GLY B 34 8.80 7.17 -12.74
C GLY B 34 10.04 7.04 -13.58
N TRP B 35 11.18 7.37 -12.98
CA TRP B 35 12.47 7.26 -13.65
C TRP B 35 13.40 6.35 -12.87
N PHE B 36 14.13 5.51 -13.61
CA PHE B 36 15.10 4.56 -13.06
C PHE B 36 16.42 4.69 -13.80
N ARG B 37 17.48 4.16 -13.18
CA ARG B 37 18.78 4.18 -13.80
C ARG B 37 19.53 2.92 -13.42
N GLN B 38 20.42 2.48 -14.31
CA GLN B 38 21.06 1.19 -14.18
C GLN B 38 22.55 1.31 -14.49
N ALA B 39 23.40 1.08 -13.50
CA ALA B 39 24.82 1.01 -13.71
C ALA B 39 25.19 -0.37 -14.27
N PRO B 40 26.33 -0.49 -14.96
CA PRO B 40 26.61 -1.72 -15.72
C PRO B 40 26.48 -3.02 -14.94
N GLY B 41 26.98 -3.08 -13.71
CA GLY B 41 26.94 -4.30 -12.94
C GLY B 41 25.84 -4.38 -11.89
N LYS B 42 24.89 -3.45 -11.90
CA LYS B 42 23.94 -3.28 -10.80
C LYS B 42 22.50 -3.43 -11.29
N GLU B 43 21.58 -3.35 -10.33
CA GLU B 43 20.17 -3.40 -10.64
C GLU B 43 19.66 -1.99 -10.98
N ARG B 44 18.42 -1.92 -11.46
CA ARG B 44 17.79 -0.65 -11.78
C ARG B 44 17.39 0.07 -10.50
N GLU B 45 17.86 1.30 -10.34
CA GLU B 45 17.63 2.07 -9.12
C GLU B 45 16.56 3.12 -9.40
N TRP B 46 15.55 3.16 -8.53
CA TRP B 46 14.53 4.20 -8.64
C TRP B 46 15.14 5.58 -8.38
N VAL B 47 14.75 6.55 -9.21
CA VAL B 47 15.26 7.91 -9.13
C VAL B 47 14.19 8.89 -8.67
N SER B 48 12.98 8.78 -9.25
CA SER B 48 12.00 9.84 -9.08
C SER B 48 10.68 9.40 -9.69
N SER B 49 9.58 9.87 -9.10
CA SER B 49 8.25 9.57 -9.61
C SER B 49 7.37 10.82 -9.53
N ILE B 50 6.35 10.87 -10.38
CA ILE B 50 5.31 11.90 -10.29
C ILE B 50 3.95 11.23 -10.37
N SER B 51 3.05 11.59 -9.47
CA SER B 51 1.81 10.86 -9.36
C SER B 51 0.77 11.40 -10.35
N SER B 52 -0.06 10.48 -10.81
CA SER B 52 -1.17 10.84 -11.70
C SER B 52 -2.17 11.72 -10.96
N SER B 53 -2.79 11.18 -9.91
CA SER B 53 -3.90 11.85 -9.21
C SER B 53 -3.35 12.73 -8.08
N ASP B 54 -2.42 13.60 -8.47
CA ASP B 54 -1.95 14.84 -7.83
C ASP B 54 -0.94 15.45 -8.80
N GLY B 55 -0.23 16.48 -8.34
CA GLY B 55 1.02 16.79 -9.00
C GLY B 55 2.21 16.32 -8.18
N ARG B 56 2.03 15.33 -7.30
CA ARG B 56 3.01 15.07 -6.26
C ARG B 56 4.26 14.38 -6.80
N LYS B 57 5.41 14.97 -6.48
CA LYS B 57 6.72 14.54 -6.96
C LYS B 57 7.53 13.90 -5.83
N TYR B 58 8.31 12.87 -6.18
CA TYR B 58 9.07 12.04 -5.25
C TYR B 58 10.50 11.86 -5.76
N TYR B 59 11.48 11.93 -4.85
CA TYR B 59 12.89 11.88 -5.23
C TYR B 59 13.66 10.99 -4.28
N VAL B 60 14.62 10.21 -4.83
CA VAL B 60 15.64 9.62 -3.98
C VAL B 60 16.46 10.73 -3.36
N ASN B 61 16.93 10.50 -2.13
CA ASN B 61 17.70 11.50 -1.41
C ASN B 61 18.92 11.97 -2.19
N SER B 62 19.60 11.06 -2.90
CA SER B 62 20.86 11.40 -3.56
C SER B 62 20.68 12.31 -4.79
N VAL B 63 19.46 12.58 -5.25
CA VAL B 63 19.26 13.52 -6.35
C VAL B 63 18.48 14.76 -5.93
N LYS B 64 18.07 14.84 -4.66
CA LYS B 64 17.26 15.98 -4.23
C LYS B 64 18.05 17.27 -4.37
N GLY B 65 17.38 18.30 -4.91
CA GLY B 65 18.01 19.56 -5.22
C GLY B 65 18.80 19.56 -6.51
N ARG B 66 18.97 18.42 -7.16
CA ARG B 66 19.70 18.35 -8.42
C ARG B 66 18.83 17.95 -9.60
N PHE B 67 17.90 17.03 -9.38
CA PHE B 67 16.99 16.56 -10.43
C PHE B 67 15.60 17.13 -10.19
N THR B 68 14.90 17.46 -11.27
CA THR B 68 13.53 17.96 -11.18
C THR B 68 12.66 17.21 -12.18
N ILE B 69 11.56 16.64 -11.72
CA ILE B 69 10.60 15.97 -12.59
C ILE B 69 9.43 16.92 -12.81
N SER B 70 8.89 16.94 -14.03
CA SER B 70 7.79 17.85 -14.33
C SER B 70 7.00 17.30 -15.53
N ARG B 71 5.77 17.75 -15.63
CA ARG B 71 4.85 17.43 -16.70
C ARG B 71 4.59 18.63 -17.57
N ASP B 72 4.73 18.50 -18.87
CA ASP B 72 4.28 19.54 -19.79
C ASP B 72 3.01 19.01 -20.45
N ASN B 73 1.86 19.39 -19.89
CA ASN B 73 0.58 18.91 -20.42
C ASN B 73 0.30 19.43 -21.82
N ALA B 74 0.97 20.52 -22.22
CA ALA B 74 0.79 21.03 -23.58
C ALA B 74 1.33 20.04 -24.61
N LYS B 75 2.50 19.46 -24.35
CA LYS B 75 3.12 18.50 -25.26
C LYS B 75 2.97 17.05 -24.77
N ASN B 76 2.12 16.81 -23.78
CA ASN B 76 1.82 15.46 -23.28
C ASN B 76 3.09 14.70 -22.89
N THR B 77 3.98 15.39 -22.19
CA THR B 77 5.33 14.87 -21.96
C THR B 77 5.68 15.03 -20.48
N VAL B 78 6.55 14.17 -20.00
CA VAL B 78 7.17 14.29 -18.68
C VAL B 78 8.67 14.48 -18.88
N TYR B 79 9.26 15.38 -18.12
CA TYR B 79 10.68 15.64 -18.22
C TYR B 79 11.39 15.33 -16.90
N LEU B 80 12.63 14.86 -17.01
CA LEU B 80 13.54 14.79 -15.89
C LEU B 80 14.68 15.76 -16.22
N GLN B 81 14.73 16.88 -15.50
CA GLN B 81 15.83 17.82 -15.70
C GLN B 81 16.92 17.47 -14.71
N MET B 82 18.14 17.27 -15.20
CA MET B 82 19.26 16.88 -14.36
C MET B 82 20.27 18.02 -14.35
N ASN B 83 20.59 18.52 -13.18
CA ASN B 83 21.62 19.53 -13.05
C ASN B 83 22.68 19.04 -12.08
N SER B 84 23.80 19.76 -12.03
CA SER B 84 24.95 19.43 -11.17
C SER B 84 25.25 17.93 -11.23
N LEU B 85 25.38 17.44 -12.45
CA LEU B 85 25.67 16.02 -12.65
C LEU B 85 27.06 15.69 -12.12
N LYS B 86 27.20 14.45 -11.62
CA LYS B 86 28.43 13.90 -11.07
C LYS B 86 28.78 12.60 -11.78
N PRO B 87 30.07 12.23 -11.85
CA PRO B 87 30.42 10.93 -12.44
C PRO B 87 29.60 9.78 -11.90
N GLU B 88 29.21 9.85 -10.63
CA GLU B 88 28.41 8.81 -9.99
C GLU B 88 27.01 8.69 -10.59
N ASP B 89 26.56 9.64 -11.41
CA ASP B 89 25.25 9.58 -12.06
C ASP B 89 25.28 8.87 -13.40
N THR B 90 26.46 8.43 -13.85
CA THR B 90 26.59 7.69 -15.08
C THR B 90 25.82 6.38 -15.01
N ALA B 91 24.93 6.15 -15.98
CA ALA B 91 24.02 5.02 -15.98
C ALA B 91 23.14 5.09 -17.23
N VAL B 92 22.45 4.00 -17.53
CA VAL B 92 21.36 4.03 -18.50
C VAL B 92 20.10 4.42 -17.76
N TYR B 93 19.43 5.47 -18.23
CA TYR B 93 18.21 5.97 -17.60
C TYR B 93 16.99 5.49 -18.37
N TYR B 94 15.95 5.14 -17.60
CA TYR B 94 14.68 4.66 -18.15
C TYR B 94 13.53 5.34 -17.45
N CYS B 95 12.51 5.72 -18.21
CA CYS B 95 11.23 6.15 -17.64
C CYS B 95 10.22 5.00 -17.69
N ALA B 96 9.29 4.99 -16.74
CA ALA B 96 8.19 4.03 -16.69
C ALA B 96 6.89 4.76 -16.42
N ALA B 97 5.78 4.17 -16.87
CA ALA B 97 4.47 4.79 -16.66
C ALA B 97 3.44 3.70 -16.44
N ASP B 98 2.43 4.05 -15.62
CA ASP B 98 1.38 3.11 -15.23
C ASP B 98 0.19 3.90 -14.72
N ARG B 99 -1.00 3.45 -15.11
CA ARG B 99 -2.23 4.10 -14.65
C ARG B 99 -2.54 3.75 -13.20
N ASP B 100 -2.12 2.58 -12.74
CA ASP B 100 -2.53 2.03 -11.44
C ASP B 100 -1.45 2.03 -10.38
N ARG B 101 -0.19 1.95 -10.77
CA ARG B 101 0.90 1.80 -9.84
C ARG B 101 1.76 3.05 -9.87
N LEU B 102 2.20 3.50 -8.71
CA LEU B 102 3.15 4.60 -8.64
C LEU B 102 4.56 4.02 -8.65
N PRO B 103 5.40 4.33 -9.64
CA PRO B 103 6.70 3.67 -9.71
C PRO B 103 7.54 3.92 -8.46
N SER B 104 8.21 2.84 -8.04
CA SER B 104 9.02 2.85 -6.82
C SER B 104 10.09 1.78 -6.95
N ALA B 105 10.98 1.74 -5.95
CA ALA B 105 12.07 0.77 -5.94
C ALA B 105 11.58 -0.66 -5.79
N ILE B 106 10.35 -0.87 -5.30
CA ILE B 106 9.96 -2.23 -4.92
C ILE B 106 9.61 -3.10 -6.13
N THR B 107 9.36 -2.52 -7.31
CA THR B 107 8.92 -3.34 -8.43
C THR B 107 9.30 -2.71 -9.76
N TYR B 108 9.40 -3.55 -10.78
CA TYR B 108 9.63 -3.13 -12.16
C TYR B 108 8.46 -3.45 -13.08
N GLU B 109 7.38 -4.02 -12.55
CA GLU B 109 6.19 -4.39 -13.34
C GLU B 109 5.36 -3.14 -13.58
N TYR B 110 5.57 -2.50 -14.72
CA TYR B 110 4.79 -1.34 -15.11
C TYR B 110 4.28 -1.52 -16.53
N ASN B 111 3.15 -0.88 -16.82
CA ASN B 111 2.52 -1.03 -18.14
C ASN B 111 3.42 -0.55 -19.28
N TYR B 112 4.24 0.47 -19.03
CA TYR B 112 5.04 1.09 -20.07
C TYR B 112 6.45 1.33 -19.55
N TRP B 113 7.46 0.93 -20.32
CA TRP B 113 8.85 1.26 -20.07
C TRP B 113 9.38 1.99 -21.30
N GLY B 114 9.96 3.16 -21.08
CA GLY B 114 10.53 3.92 -22.18
C GLY B 114 11.89 3.35 -22.61
N GLN B 115 12.33 3.81 -23.78
CA GLN B 115 13.65 3.47 -24.25
C GLN B 115 14.72 4.01 -23.30
N GLY B 116 15.81 3.26 -23.14
CA GLY B 116 16.89 3.72 -22.28
C GLY B 116 17.73 4.80 -22.94
N THR B 117 18.38 5.61 -22.10
CA THR B 117 19.32 6.60 -22.58
C THR B 117 20.59 6.51 -21.76
N GLN B 118 21.70 6.23 -22.43
CA GLN B 118 23.00 6.22 -21.80
C GLN B 118 23.40 7.65 -21.45
N VAL B 119 23.58 7.91 -20.16
CA VAL B 119 24.08 9.20 -19.68
C VAL B 119 25.49 8.96 -19.16
N THR B 120 26.44 9.74 -19.64
CA THR B 120 27.85 9.55 -19.28
C THR B 120 28.43 10.88 -18.83
N VAL B 121 28.71 10.99 -17.53
CA VAL B 121 29.32 12.17 -16.93
C VAL B 121 30.80 11.90 -16.71
N SER B 122 31.64 12.81 -17.18
CA SER B 122 33.10 12.54 -17.26
C SER B 122 33.90 13.07 -16.09
CL CL C . -12.45 -19.21 20.06
CL CL D . -19.85 -9.60 -6.15
CL CL E . 0.06 -23.02 8.06
CL CL F . -20.68 0.35 16.19
CL CL G . 3.13 -16.64 3.28
C1 EDO H . 9.24 -6.91 -10.69
O1 EDO H . 10.37 -6.43 -9.93
C2 EDO H . 9.37 -6.77 -12.22
O2 EDO H . 10.43 -7.55 -12.76
#